data_1K7J
#
_entry.id   1K7J
#
_cell.length_a   56.260
_cell.length_b   56.260
_cell.length_c   135.301
_cell.angle_alpha   90.00
_cell.angle_beta   90.00
_cell.angle_gamma   120.00
#
_symmetry.space_group_name_H-M   'P 31 2 1'
#
loop_
_entity.id
_entity.type
_entity.pdbx_description
1 polymer 'Protein yciO'
2 non-polymer 'SULFATE ION'
3 water water
#
_entity_poly.entity_id   1
_entity_poly.type   'polypeptide(L)'
_entity_poly.pdbx_seq_one_letter_code
;(MSE)SQFFYIHPDNPQQRLINQAVEIVRKGGVIVYPTDSGYALGCKIEDKNA(MSE)ERICRIRQLPDGHNFTL(MSE)
CRDLSELSTYSFVDNVAFRL(MSE)KNNTPGNYTFILKGTKEVPRRLLQEKRKTIG(MSE)RVPSNPIAQALLEALGEP
(MSE)LSTSL(MSE)LPGSEFTESDPEEIKDRLEKQVDLIIHGGYLGQKPTTVIDLTDDTPVVVREGVGDVKPFL
;
_entity_poly.pdbx_strand_id   A
#
loop_
_chem_comp.id
_chem_comp.type
_chem_comp.name
_chem_comp.formula
SO4 non-polymer 'SULFATE ION' 'O4 S -2'
#
# COMPACT_ATOMS: atom_id res chain seq x y z
N MSE A 1 -4.73 8.54 21.65
CA MSE A 1 -4.40 9.41 20.49
C MSE A 1 -3.22 8.83 19.70
O MSE A 1 -2.30 8.27 20.29
CB MSE A 1 -4.05 10.82 20.96
CG MSE A 1 -4.43 11.93 19.98
SE MSE A 1 -6.28 12.48 20.18
CE MSE A 1 -7.16 10.80 19.81
N SER A 2 -3.26 8.96 18.39
CA SER A 2 -2.20 8.44 17.53
C SER A 2 -0.85 9.07 17.83
N GLN A 3 0.21 8.29 17.71
CA GLN A 3 1.54 8.82 17.90
C GLN A 3 1.83 9.53 16.58
N PHE A 4 2.78 10.47 16.58
CA PHE A 4 3.10 11.24 15.39
C PHE A 4 4.62 11.34 15.27
N PHE A 5 5.19 10.72 14.23
CA PHE A 5 6.62 10.71 14.01
C PHE A 5 7.04 11.60 12.84
N TYR A 6 8.07 12.42 13.05
CA TYR A 6 8.60 13.25 11.99
C TYR A 6 9.81 12.47 11.48
N ILE A 7 9.68 11.87 10.31
CA ILE A 7 10.79 11.11 9.75
C ILE A 7 11.31 11.75 8.47
N HIS A 8 12.63 11.93 8.39
CA HIS A 8 13.25 12.51 7.21
C HIS A 8 12.90 11.62 6.02
N PRO A 9 12.28 12.20 4.99
CA PRO A 9 11.89 11.42 3.80
C PRO A 9 13.01 10.90 2.90
N ASP A 10 14.14 11.59 2.90
CA ASP A 10 15.28 11.19 2.08
C ASP A 10 16.24 10.24 2.79
N ASN A 11 16.36 10.42 4.09
CA ASN A 11 17.25 9.59 4.90
C ASN A 11 16.54 9.31 6.22
N PRO A 12 15.57 8.38 6.20
CA PRO A 12 14.81 8.03 7.41
C PRO A 12 15.61 7.54 8.60
N GLN A 13 15.32 8.10 9.77
CA GLN A 13 15.99 7.71 11.00
C GLN A 13 15.58 6.29 11.33
N GLN A 14 16.56 5.39 11.41
CA GLN A 14 16.29 3.99 11.69
C GLN A 14 15.55 3.77 13.01
N ARG A 15 15.85 4.59 14.02
CA ARG A 15 15.21 4.46 15.31
C ARG A 15 13.69 4.61 15.21
N LEU A 16 13.24 5.60 14.44
CA LEU A 16 11.81 5.84 14.29
C LEU A 16 11.16 4.80 13.38
N ILE A 17 11.91 4.35 12.37
CA ILE A 17 11.40 3.32 11.47
C ILE A 17 11.17 2.06 12.30
N ASN A 18 12.14 1.72 13.15
CA ASN A 18 12.02 0.54 13.99
C ASN A 18 10.84 0.64 14.94
N GLN A 19 10.66 1.81 15.56
CA GLN A 19 9.54 1.98 16.48
C GLN A 19 8.21 1.84 15.74
N ALA A 20 8.16 2.35 14.50
CA ALA A 20 6.94 2.26 13.70
C ALA A 20 6.64 0.79 13.41
N VAL A 21 7.67 0.03 13.05
CA VAL A 21 7.50 -1.38 12.75
C VAL A 21 7.06 -2.16 13.99
N GLU A 22 7.54 -1.78 15.16
CA GLU A 22 7.14 -2.47 16.37
C GLU A 22 5.65 -2.25 16.62
N ILE A 23 5.17 -1.05 16.29
CA ILE A 23 3.76 -0.74 16.45
C ILE A 23 2.95 -1.63 15.51
N VAL A 24 3.45 -1.80 14.28
CA VAL A 24 2.78 -2.65 13.31
C VAL A 24 2.76 -4.10 13.79
N ARG A 25 3.89 -4.58 14.30
CA ARG A 25 3.98 -5.95 14.78
C ARG A 25 3.04 -6.24 15.94
N LYS A 26 2.71 -5.21 16.71
CA LYS A 26 1.81 -5.38 17.84
C LYS A 26 0.34 -5.28 17.42
N GLY A 27 0.10 -5.18 16.13
CA GLY A 27 -1.27 -5.10 15.62
C GLY A 27 -1.82 -3.70 15.43
N GLY A 28 -0.95 -2.70 15.38
CA GLY A 28 -1.41 -1.34 15.21
C GLY A 28 -1.67 -0.95 13.76
N VAL A 29 -2.45 0.11 13.58
CA VAL A 29 -2.77 0.62 12.26
C VAL A 29 -2.00 1.92 12.11
N ILE A 30 -1.24 2.04 11.03
CA ILE A 30 -0.45 3.25 10.82
C ILE A 30 -0.72 3.92 9.49
N VAL A 31 -0.34 5.19 9.41
CA VAL A 31 -0.46 5.97 8.19
C VAL A 31 0.99 6.26 7.83
N TYR A 32 1.37 5.94 6.61
CA TYR A 32 2.75 6.17 6.19
C TYR A 32 2.82 6.70 4.77
N PRO A 33 3.89 7.44 4.44
CA PRO A 33 4.05 8.00 3.11
C PRO A 33 4.55 7.01 2.06
N THR A 34 4.08 7.18 0.83
CA THR A 34 4.54 6.36 -0.29
C THR A 34 4.85 7.37 -1.40
N ASP A 35 5.35 6.87 -2.53
CA ASP A 35 5.65 7.74 -3.66
C ASP A 35 4.37 8.30 -4.28
N SER A 36 3.24 7.64 -4.03
CA SER A 36 1.96 8.08 -4.56
C SER A 36 0.94 8.32 -3.46
N GLY A 37 1.19 9.34 -2.64
CA GLY A 37 0.29 9.68 -1.55
C GLY A 37 0.48 8.86 -0.29
N TYR A 38 -0.24 9.25 0.76
CA TYR A 38 -0.16 8.53 2.02
C TYR A 38 -0.98 7.24 1.94
N ALA A 39 -0.66 6.29 2.79
CA ALA A 39 -1.35 5.01 2.80
C ALA A 39 -1.59 4.51 4.21
N LEU A 40 -2.52 3.57 4.36
CA LEU A 40 -2.82 2.95 5.63
C LEU A 40 -2.12 1.61 5.62
N GLY A 41 -1.61 1.17 6.77
CA GLY A 41 -0.93 -0.09 6.81
C GLY A 41 -1.04 -0.83 8.14
N CYS A 42 -0.92 -2.14 8.07
CA CYS A 42 -0.96 -3.00 9.26
C CYS A 42 -0.36 -4.33 8.86
N LYS A 43 -0.16 -5.24 9.82
CA LYS A 43 0.42 -6.52 9.48
C LYS A 43 -0.65 -7.40 8.83
N ILE A 44 -0.23 -8.28 7.93
CA ILE A 44 -1.16 -9.14 7.22
C ILE A 44 -1.86 -10.15 8.11
N GLU A 45 -1.26 -10.44 9.27
CA GLU A 45 -1.81 -11.43 10.19
C GLU A 45 -2.91 -10.95 11.15
N ASP A 46 -3.13 -9.65 11.24
CA ASP A 46 -4.12 -9.10 12.17
C ASP A 46 -5.47 -8.76 11.53
N LYS A 47 -6.50 -9.53 11.85
CA LYS A 47 -7.83 -9.30 11.30
C LYS A 47 -8.47 -8.02 11.83
N ASN A 48 -8.26 -7.71 13.11
CA ASN A 48 -8.85 -6.50 13.68
C ASN A 48 -8.30 -5.25 13.00
N ALA A 49 -7.00 -5.23 12.73
CA ALA A 49 -6.38 -4.07 12.07
C ALA A 49 -6.93 -3.96 10.65
N MSE A 50 -7.10 -5.10 9.99
CA MSE A 50 -7.65 -5.11 8.64
C MSE A 50 -9.00 -4.42 8.63
O MSE A 50 -9.26 -3.53 7.82
CB MSE A 50 -7.82 -6.56 8.15
CG MSE A 50 -8.66 -6.68 6.87
SE MSE A 50 -9.42 -8.43 6.58
CE MSE A 50 -10.93 -8.28 7.78
N GLU A 51 -9.86 -4.84 9.56
CA GLU A 51 -11.20 -4.28 9.67
C GLU A 51 -11.16 -2.77 9.88
N ARG A 52 -10.26 -2.31 10.73
CA ARG A 52 -10.13 -0.89 11.01
C ARG A 52 -9.76 -0.11 9.74
N ILE A 53 -8.87 -0.68 8.94
CA ILE A 53 -8.46 -0.04 7.70
C ILE A 53 -9.62 0.00 6.72
N CYS A 54 -10.36 -1.11 6.62
CA CYS A 54 -11.51 -1.19 5.72
C CYS A 54 -12.47 -0.04 5.95
N ARG A 55 -12.76 0.22 7.23
CA ARG A 55 -13.68 1.30 7.61
C ARG A 55 -13.13 2.68 7.30
N ILE A 56 -11.85 2.88 7.56
CA ILE A 56 -11.25 4.18 7.29
C ILE A 56 -11.19 4.41 5.79
N ARG A 57 -10.85 3.37 5.04
CA ARG A 57 -10.74 3.44 3.57
C ARG A 57 -12.11 3.40 2.91
N GLN A 58 -13.11 2.90 3.63
CA GLN A 58 -14.46 2.76 3.09
C GLN A 58 -14.34 1.92 1.84
N LEU A 59 -13.54 0.88 1.94
CA LEU A 59 -13.30 -0.03 0.84
C LEU A 59 -14.60 -0.43 0.16
N PRO A 60 -14.79 0.00 -1.11
CA PRO A 60 -16.00 -0.29 -1.89
C PRO A 60 -16.15 -1.78 -2.24
N ASP A 61 -17.22 -2.09 -2.96
CA ASP A 61 -17.50 -3.47 -3.37
C ASP A 61 -16.52 -4.00 -4.41
N GLY A 62 -16.06 -5.22 -4.19
CA GLY A 62 -15.13 -5.83 -5.11
C GLY A 62 -13.80 -5.12 -5.18
N HIS A 63 -13.59 -4.12 -4.32
CA HIS A 63 -12.34 -3.39 -4.32
C HIS A 63 -11.28 -4.19 -3.59
N ASN A 64 -10.13 -4.32 -4.23
CA ASN A 64 -9.01 -5.08 -3.70
C ASN A 64 -8.23 -4.39 -2.58
N PHE A 65 -7.63 -5.21 -1.73
CA PHE A 65 -6.76 -4.71 -0.68
C PHE A 65 -5.44 -4.56 -1.42
N THR A 66 -4.41 -4.07 -0.73
CA THR A 66 -3.12 -3.90 -1.35
C THR A 66 -2.05 -4.49 -0.44
N LEU A 67 -1.07 -5.17 -1.04
CA LEU A 67 0.04 -5.69 -0.28
C LEU A 67 1.21 -4.82 -0.71
N MSE A 68 1.76 -4.07 0.23
CA MSE A 68 2.89 -3.19 -0.03
C MSE A 68 4.14 -4.08 0.08
O MSE A 68 4.46 -4.55 1.17
CB MSE A 68 2.91 -2.06 1.01
CG MSE A 68 3.69 -0.81 0.62
SE MSE A 68 2.88 0.21 -0.85
CE MSE A 68 1.29 0.95 0.06
N CYS A 69 4.80 -4.32 -1.05
CA CYS A 69 5.96 -5.20 -1.12
C CYS A 69 7.31 -4.52 -1.31
N ARG A 70 8.35 -5.15 -0.76
CA ARG A 70 9.70 -4.63 -0.84
C ARG A 70 10.22 -4.51 -2.27
N ASP A 71 9.99 -5.54 -3.07
CA ASP A 71 10.47 -5.57 -4.44
C ASP A 71 9.70 -6.60 -5.26
N LEU A 72 10.09 -6.76 -6.52
CA LEU A 72 9.41 -7.71 -7.41
C LEU A 72 9.52 -9.14 -6.89
N SER A 73 10.65 -9.49 -6.29
CA SER A 73 10.83 -10.84 -5.75
C SER A 73 9.77 -11.13 -4.70
N GLU A 74 9.60 -10.21 -3.76
CA GLU A 74 8.60 -10.40 -2.71
C GLU A 74 7.20 -10.42 -3.32
N LEU A 75 6.96 -9.55 -4.29
CA LEU A 75 5.67 -9.49 -4.96
C LEU A 75 5.37 -10.86 -5.58
N SER A 76 6.38 -11.46 -6.18
CA SER A 76 6.24 -12.76 -6.83
C SER A 76 6.09 -13.92 -5.86
N THR A 77 6.27 -13.64 -4.58
CA THR A 77 6.13 -14.66 -3.55
C THR A 77 4.68 -14.66 -3.07
N TYR A 78 4.07 -13.48 -3.05
CA TYR A 78 2.70 -13.34 -2.58
C TYR A 78 1.61 -13.33 -3.65
N SER A 79 1.99 -13.37 -4.92
CA SER A 79 1.00 -13.41 -5.98
C SER A 79 1.49 -14.31 -7.10
N PHE A 80 0.56 -14.79 -7.93
CA PHE A 80 0.91 -15.66 -9.05
C PHE A 80 1.30 -14.79 -10.24
N VAL A 81 2.57 -14.90 -10.64
CA VAL A 81 3.11 -14.11 -11.72
C VAL A 81 3.52 -14.96 -12.92
N ASP A 82 2.88 -14.74 -14.06
CA ASP A 82 3.24 -15.50 -15.26
C ASP A 82 4.14 -14.63 -16.15
N ASN A 83 4.50 -15.16 -17.31
CA ASN A 83 5.39 -14.44 -18.22
C ASN A 83 4.94 -13.02 -18.57
N VAL A 84 3.68 -12.88 -18.99
CA VAL A 84 3.15 -11.58 -19.37
C VAL A 84 3.28 -10.57 -18.23
N ALA A 85 2.82 -10.97 -17.05
CA ALA A 85 2.88 -10.09 -15.88
C ALA A 85 4.31 -9.75 -15.48
N PHE A 86 5.18 -10.75 -15.49
CA PHE A 86 6.57 -10.54 -15.11
C PHE A 86 7.27 -9.52 -15.99
N ARG A 87 7.17 -9.70 -17.31
CA ARG A 87 7.80 -8.79 -18.24
C ARG A 87 7.31 -7.35 -18.09
N LEU A 88 6.00 -7.19 -17.88
CA LEU A 88 5.45 -5.86 -17.72
C LEU A 88 5.90 -5.20 -16.43
N MSE A 89 5.86 -5.95 -15.32
CA MSE A 89 6.24 -5.36 -14.05
C MSE A 89 7.74 -5.13 -13.88
O MSE A 89 8.14 -4.18 -13.22
CB MSE A 89 5.71 -6.21 -12.88
CG MSE A 89 4.20 -6.25 -12.82
SE MSE A 89 3.60 -7.19 -11.23
CE MSE A 89 4.25 -8.98 -11.71
N LYS A 90 8.56 -6.00 -14.46
CA LYS A 90 10.01 -5.85 -14.33
C LYS A 90 10.49 -4.51 -14.90
N ASN A 91 9.75 -3.99 -15.86
CA ASN A 91 10.12 -2.72 -16.49
C ASN A 91 9.27 -1.55 -16.00
N ASN A 92 8.45 -1.80 -14.98
CA ASN A 92 7.59 -0.76 -14.45
C ASN A 92 7.50 -0.80 -12.93
N THR A 93 8.66 -0.96 -12.31
CA THR A 93 8.79 -1.00 -10.86
C THR A 93 10.12 -0.31 -10.53
N PRO A 94 10.23 0.34 -9.37
CA PRO A 94 9.21 0.45 -8.32
C PRO A 94 8.40 1.75 -8.44
N GLY A 95 7.38 1.86 -7.60
CA GLY A 95 6.54 3.04 -7.55
C GLY A 95 5.50 3.25 -8.63
N ASN A 96 4.59 4.18 -8.35
CA ASN A 96 3.53 4.61 -9.25
C ASN A 96 2.43 3.65 -9.69
N TYR A 97 2.57 2.38 -9.37
CA TYR A 97 1.59 1.39 -9.81
C TYR A 97 1.12 0.40 -8.74
N THR A 98 -0.09 -0.10 -8.94
CA THR A 98 -0.67 -1.15 -8.12
C THR A 98 -1.10 -2.16 -9.17
N PHE A 99 -0.65 -3.40 -9.03
CA PHE A 99 -0.98 -4.44 -10.00
C PHE A 99 -1.92 -5.45 -9.39
N ILE A 100 -3.07 -5.65 -10.02
CA ILE A 100 -4.03 -6.62 -9.51
C ILE A 100 -3.67 -8.01 -10.04
N LEU A 101 -3.43 -8.93 -9.11
CA LEU A 101 -3.06 -10.31 -9.45
C LEU A 101 -3.74 -11.27 -8.48
N LYS A 102 -3.69 -12.55 -8.79
CA LYS A 102 -4.27 -13.54 -7.89
C LYS A 102 -3.27 -13.77 -6.76
N GLY A 103 -3.75 -13.78 -5.53
CA GLY A 103 -2.88 -13.98 -4.39
C GLY A 103 -2.55 -15.45 -4.15
N THR A 104 -1.35 -15.71 -3.65
CA THR A 104 -0.93 -17.08 -3.36
C THR A 104 -1.39 -17.47 -1.96
N LYS A 105 -1.06 -18.69 -1.55
CA LYS A 105 -1.42 -19.19 -0.22
C LYS A 105 -0.70 -18.44 0.90
N GLU A 106 0.25 -17.60 0.52
CA GLU A 106 0.99 -16.79 1.50
C GLU A 106 0.03 -15.75 2.05
N VAL A 107 -1.03 -15.47 1.29
CA VAL A 107 -2.01 -14.47 1.67
C VAL A 107 -3.26 -15.02 2.34
N PRO A 108 -3.61 -14.49 3.53
CA PRO A 108 -4.81 -14.97 4.24
C PRO A 108 -6.02 -14.81 3.32
N ARG A 109 -6.88 -15.82 3.30
CA ARG A 109 -8.06 -15.82 2.46
C ARG A 109 -8.89 -14.54 2.58
N ARG A 110 -9.05 -14.05 3.82
CA ARG A 110 -9.84 -12.84 4.07
C ARG A 110 -9.37 -11.60 3.34
N LEU A 111 -8.12 -11.59 2.90
CA LEU A 111 -7.56 -10.44 2.20
C LEU A 111 -7.74 -10.51 0.69
N LEU A 112 -8.18 -11.65 0.19
CA LEU A 112 -8.39 -11.84 -1.24
C LEU A 112 -9.82 -11.51 -1.63
N GLN A 113 -9.99 -10.93 -2.82
CA GLN A 113 -11.31 -10.56 -3.31
C GLN A 113 -12.18 -11.81 -3.31
N GLU A 114 -13.32 -11.70 -2.65
CA GLU A 114 -14.27 -12.80 -2.51
C GLU A 114 -14.48 -13.69 -3.74
N LYS A 115 -14.73 -13.07 -4.89
CA LYS A 115 -14.99 -13.81 -6.11
C LYS A 115 -13.78 -14.12 -6.98
N ARG A 116 -12.95 -13.11 -7.23
CA ARG A 116 -11.79 -13.28 -8.09
C ARG A 116 -10.50 -13.76 -7.40
N LYS A 117 -10.48 -13.72 -6.08
CA LYS A 117 -9.32 -14.16 -5.28
C LYS A 117 -8.08 -13.33 -5.60
N THR A 118 -8.30 -12.07 -5.96
CA THR A 118 -7.22 -11.16 -6.29
C THR A 118 -6.87 -10.20 -5.17
N ILE A 119 -5.77 -9.50 -5.36
CA ILE A 119 -5.30 -8.51 -4.40
C ILE A 119 -4.31 -7.62 -5.14
N GLY A 120 -4.24 -6.34 -4.75
CA GLY A 120 -3.33 -5.41 -5.40
C GLY A 120 -1.93 -5.54 -4.86
N MSE A 121 -0.96 -5.59 -5.76
CA MSE A 121 0.45 -5.70 -5.37
C MSE A 121 1.11 -4.36 -5.68
O MSE A 121 0.95 -3.82 -6.78
CB MSE A 121 1.12 -6.83 -6.17
CG MSE A 121 0.37 -8.17 -6.07
SE MSE A 121 0.07 -8.77 -4.23
CE MSE A 121 1.90 -9.21 -3.80
N ARG A 122 1.84 -3.83 -4.72
CA ARG A 122 2.43 -2.51 -4.90
C ARG A 122 3.82 -2.38 -4.27
N VAL A 123 4.80 -1.98 -5.09
CA VAL A 123 6.17 -1.79 -4.62
C VAL A 123 6.41 -0.28 -4.58
N PRO A 124 6.55 0.29 -3.37
CA PRO A 124 6.78 1.73 -3.23
C PRO A 124 8.23 2.09 -3.55
N SER A 125 8.46 3.32 -4.00
CA SER A 125 9.81 3.75 -4.36
C SER A 125 10.47 4.70 -3.36
N ASN A 126 9.70 5.25 -2.43
CA ASN A 126 10.25 6.20 -1.47
C ASN A 126 10.99 5.56 -0.30
N PRO A 127 12.03 6.25 0.21
CA PRO A 127 12.84 5.76 1.32
C PRO A 127 12.11 5.33 2.58
N ILE A 128 11.13 6.10 3.03
CA ILE A 128 10.43 5.73 4.26
C ILE A 128 9.67 4.41 4.12
N ALA A 129 8.90 4.26 3.04
CA ALA A 129 8.14 3.03 2.84
C ALA A 129 9.10 1.84 2.67
N GLN A 130 10.17 2.03 1.92
CA GLN A 130 11.13 0.96 1.73
C GLN A 130 11.78 0.57 3.05
N ALA A 131 12.09 1.56 3.88
CA ALA A 131 12.72 1.29 5.18
C ALA A 131 11.76 0.51 6.08
N LEU A 132 10.48 0.88 6.06
CA LEU A 132 9.49 0.18 6.88
C LEU A 132 9.40 -1.28 6.46
N LEU A 133 9.36 -1.53 5.15
CA LEU A 133 9.25 -2.89 4.65
C LEU A 133 10.51 -3.70 4.97
N GLU A 134 11.68 -3.08 4.82
CA GLU A 134 12.92 -3.78 5.12
C GLU A 134 12.94 -4.22 6.58
N ALA A 135 12.49 -3.35 7.47
CA ALA A 135 12.48 -3.67 8.89
C ALA A 135 11.41 -4.69 9.24
N LEU A 136 10.25 -4.60 8.58
CA LEU A 136 9.15 -5.54 8.84
C LEU A 136 9.50 -6.95 8.38
N GLY A 137 10.14 -7.06 7.22
CA GLY A 137 10.54 -8.38 6.73
C GLY A 137 9.54 -9.10 5.85
N GLU A 138 8.37 -8.52 5.69
CA GLU A 138 7.33 -9.09 4.84
C GLU A 138 6.43 -7.95 4.38
N PRO A 139 5.47 -8.23 3.48
CA PRO A 139 4.57 -7.19 3.00
C PRO A 139 3.71 -6.60 4.10
N MSE A 140 3.22 -5.40 3.84
CA MSE A 140 2.35 -4.70 4.78
C MSE A 140 0.96 -4.63 4.13
O MSE A 140 0.85 -4.25 2.97
CB MSE A 140 2.90 -3.29 5.04
CG MSE A 140 2.11 -2.44 5.99
SE MSE A 140 3.27 -1.26 7.00
CE MSE A 140 4.31 -0.52 5.55
N LEU A 141 -0.07 -5.05 4.86
CA LEU A 141 -1.43 -4.96 4.31
C LEU A 141 -1.72 -3.47 4.28
N SER A 142 -2.14 -2.97 3.12
CA SER A 142 -2.39 -1.55 2.98
C SER A 142 -3.51 -1.19 2.03
N THR A 143 -3.75 0.12 1.94
CA THR A 143 -4.72 0.73 1.04
C THR A 143 -4.25 2.17 0.93
N SER A 144 -4.57 2.82 -0.18
CA SER A 144 -4.18 4.22 -0.31
C SER A 144 -5.07 4.98 0.66
N LEU A 145 -4.60 6.12 1.16
CA LEU A 145 -5.40 6.91 2.06
C LEU A 145 -6.08 8.01 1.26
N MSE A 146 -7.37 7.87 1.02
CA MSE A 146 -8.10 8.90 0.30
C MSE A 146 -9.47 9.15 0.90
O MSE A 146 -10.07 8.24 1.49
CB MSE A 146 -8.18 8.56 -1.20
CG MSE A 146 -8.35 7.09 -1.57
SE MSE A 146 -7.46 6.67 -3.28
CE MSE A 146 -8.36 7.91 -4.45
N LEU A 147 -9.96 10.38 0.76
CA LEU A 147 -11.27 10.75 1.29
C LEU A 147 -12.38 10.02 0.55
N PRO A 148 -13.54 9.87 1.19
CA PRO A 148 -14.71 9.19 0.63
C PRO A 148 -15.08 9.74 -0.75
N GLY A 149 -15.21 8.85 -1.72
CA GLY A 149 -15.59 9.25 -3.07
C GLY A 149 -14.62 10.17 -3.80
N SER A 150 -13.47 10.43 -3.19
CA SER A 150 -12.47 11.30 -3.80
C SER A 150 -11.58 10.53 -4.75
N GLU A 151 -11.10 11.19 -5.80
CA GLU A 151 -10.21 10.56 -6.77
C GLU A 151 -8.78 10.86 -6.34
N PHE A 152 -8.65 11.60 -5.24
CA PHE A 152 -7.32 12.00 -4.75
C PHE A 152 -6.95 11.36 -3.43
N THR A 153 -5.65 11.27 -3.17
CA THR A 153 -5.17 10.70 -1.93
C THR A 153 -4.84 11.85 -1.00
N GLU A 154 -4.87 11.59 0.30
CA GLU A 154 -4.52 12.62 1.27
C GLU A 154 -3.01 12.82 1.12
N SER A 155 -2.57 14.06 1.18
CA SER A 155 -1.15 14.35 0.99
C SER A 155 -0.52 15.24 2.04
N ASP A 156 -1.35 15.85 2.88
CA ASP A 156 -0.90 16.76 3.94
C ASP A 156 -0.93 16.01 5.28
N PRO A 157 0.25 15.72 5.85
CA PRO A 157 0.33 15.01 7.13
C PRO A 157 -0.36 15.69 8.30
N GLU A 158 -0.43 17.02 8.29
CA GLU A 158 -1.09 17.74 9.36
C GLU A 158 -2.61 17.59 9.23
N GLU A 159 -3.09 17.59 7.99
CA GLU A 159 -4.51 17.43 7.72
C GLU A 159 -4.89 16.01 8.13
N ILE A 160 -4.00 15.06 7.85
CA ILE A 160 -4.23 13.66 8.19
C ILE A 160 -4.34 13.51 9.71
N LYS A 161 -3.47 14.20 10.44
CA LYS A 161 -3.47 14.16 11.90
C LYS A 161 -4.81 14.69 12.42
N ASP A 162 -5.26 15.80 11.87
CA ASP A 162 -6.53 16.41 12.30
C ASP A 162 -7.70 15.47 12.06
N ARG A 163 -7.67 14.75 10.95
CA ARG A 163 -8.76 13.84 10.59
C ARG A 163 -8.74 12.45 11.22
N LEU A 164 -7.56 11.88 11.37
CA LEU A 164 -7.48 10.51 11.88
C LEU A 164 -6.71 10.19 13.15
N GLU A 165 -6.23 11.21 13.87
CA GLU A 165 -5.45 10.91 15.07
C GLU A 165 -6.22 10.11 16.13
N LYS A 166 -7.54 10.07 16.04
CA LYS A 166 -8.34 9.31 17.00
C LYS A 166 -8.66 7.92 16.47
N GLN A 167 -8.33 7.66 15.21
CA GLN A 167 -8.63 6.36 14.60
C GLN A 167 -7.44 5.47 14.23
N VAL A 168 -6.24 6.03 14.26
CA VAL A 168 -5.05 5.24 13.94
C VAL A 168 -4.06 5.29 15.11
N ASP A 169 -3.10 4.39 15.10
CA ASP A 169 -2.12 4.31 16.17
C ASP A 169 -0.83 5.09 15.94
N LEU A 170 -0.50 5.32 14.67
CA LEU A 170 0.69 6.06 14.32
C LEU A 170 0.53 6.74 12.98
N ILE A 171 1.04 7.96 12.88
CA ILE A 171 1.01 8.69 11.63
C ILE A 171 2.46 9.12 11.42
N ILE A 172 3.04 8.72 10.30
CA ILE A 172 4.40 9.09 9.99
C ILE A 172 4.38 10.28 9.04
N HIS A 173 4.90 11.40 9.52
CA HIS A 173 4.98 12.61 8.71
C HIS A 173 6.19 12.42 7.81
N GLY A 174 5.96 12.29 6.51
CA GLY A 174 7.04 12.11 5.57
C GLY A 174 7.03 13.20 4.52
N GLY A 175 6.52 14.37 4.90
CA GLY A 175 6.46 15.49 3.97
C GLY A 175 5.11 15.65 3.30
N TYR A 176 5.03 16.65 2.43
CA TYR A 176 3.80 16.94 1.70
C TYR A 176 3.95 16.27 0.33
N LEU A 177 3.09 15.29 0.10
CA LEU A 177 3.16 14.50 -1.12
C LEU A 177 2.18 14.96 -2.21
N GLY A 178 2.16 14.19 -3.29
CA GLY A 178 1.24 14.48 -4.37
C GLY A 178 -0.10 13.87 -3.99
N GLN A 179 -1.17 14.29 -4.66
CA GLN A 179 -2.49 13.75 -4.36
C GLN A 179 -2.99 12.80 -5.43
N LYS A 180 -2.15 12.50 -6.41
CA LYS A 180 -2.51 11.57 -7.48
C LYS A 180 -2.18 10.16 -6.99
N PRO A 181 -3.15 9.25 -7.02
CA PRO A 181 -2.92 7.87 -6.57
C PRO A 181 -2.15 7.06 -7.62
N THR A 182 -1.84 5.82 -7.28
CA THR A 182 -1.14 4.94 -8.22
C THR A 182 -2.03 4.60 -9.40
N THR A 183 -1.40 4.22 -10.50
CA THR A 183 -2.16 3.77 -11.65
C THR A 183 -2.39 2.30 -11.32
N VAL A 184 -3.64 1.87 -11.41
CA VAL A 184 -3.97 0.48 -11.10
C VAL A 184 -4.19 -0.30 -12.38
N ILE A 185 -3.40 -1.36 -12.55
CA ILE A 185 -3.49 -2.21 -13.72
C ILE A 185 -3.85 -3.63 -13.31
N ASP A 186 -4.91 -4.18 -13.89
CA ASP A 186 -5.30 -5.55 -13.58
C ASP A 186 -4.53 -6.38 -14.61
N LEU A 187 -3.68 -7.29 -14.14
CA LEU A 187 -2.87 -8.12 -15.02
C LEU A 187 -3.37 -9.55 -15.19
N THR A 188 -4.51 -9.87 -14.59
CA THR A 188 -5.04 -11.23 -14.70
C THR A 188 -5.51 -11.53 -16.12
N ASP A 189 -5.60 -12.82 -16.44
CA ASP A 189 -6.03 -13.28 -17.76
C ASP A 189 -5.12 -12.74 -18.87
N ASP A 190 -3.90 -12.37 -18.50
CA ASP A 190 -2.91 -11.83 -19.44
C ASP A 190 -3.48 -10.73 -20.32
N THR A 191 -4.46 -10.02 -19.77
CA THR A 191 -5.11 -8.94 -20.47
C THR A 191 -5.05 -7.70 -19.60
N PRO A 192 -3.98 -6.91 -19.73
CA PRO A 192 -3.87 -5.71 -18.91
C PRO A 192 -5.05 -4.76 -19.10
N VAL A 193 -5.66 -4.37 -17.99
CA VAL A 193 -6.79 -3.46 -18.02
C VAL A 193 -6.51 -2.34 -17.04
N VAL A 194 -6.72 -1.10 -17.47
CA VAL A 194 -6.50 0.04 -16.62
C VAL A 194 -7.71 0.24 -15.72
N VAL A 195 -7.51 0.00 -14.42
CA VAL A 195 -8.57 0.15 -13.44
C VAL A 195 -8.64 1.59 -12.97
N ARG A 196 -7.48 2.24 -12.88
CA ARG A 196 -7.39 3.62 -12.46
C ARG A 196 -6.17 4.29 -13.07
N GLU A 197 -6.35 5.47 -13.65
CA GLU A 197 -5.21 6.16 -14.21
C GLU A 197 -4.67 7.11 -13.14
N GLY A 198 -3.43 6.85 -12.72
CA GLY A 198 -2.80 7.66 -11.69
C GLY A 198 -1.42 8.13 -12.12
N VAL A 199 -0.48 8.13 -11.18
CA VAL A 199 0.88 8.58 -11.46
C VAL A 199 1.58 7.82 -12.59
N GLY A 200 1.48 6.49 -12.56
CA GLY A 200 2.12 5.69 -13.58
C GLY A 200 1.55 5.79 -14.97
N ASP A 201 2.43 5.80 -15.97
CA ASP A 201 2.04 5.88 -17.38
C ASP A 201 1.24 4.62 -17.74
N VAL A 202 0.09 4.79 -18.38
CA VAL A 202 -0.73 3.63 -18.75
C VAL A 202 -0.29 3.00 -20.07
N LYS A 203 0.42 3.78 -20.89
CA LYS A 203 0.85 3.32 -22.21
C LYS A 203 1.54 1.97 -22.31
N PRO A 204 2.46 1.65 -21.38
CA PRO A 204 3.15 0.36 -21.47
C PRO A 204 2.21 -0.84 -21.37
N PHE A 205 0.99 -0.60 -20.90
CA PHE A 205 0.01 -1.66 -20.71
C PHE A 205 -1.13 -1.53 -21.71
N LEU A 206 -1.08 -0.45 -22.49
CA LEU A 206 -2.10 -0.14 -23.49
C LEU A 206 -3.33 0.47 -22.81
S SO4 B . -6.25 1.73 -3.51
O1 SO4 B . -4.96 2.25 -3.99
O2 SO4 B . -6.33 1.86 -2.05
O3 SO4 B . -7.37 2.47 -4.13
O4 SO4 B . -6.36 0.30 -3.88
#